data_2GKP
#
_entry.id   2GKP
#
_cell.length_a   48.102
_cell.length_b   79.877
_cell.length_c   44.624
_cell.angle_alpha   90.00
_cell.angle_beta   90.00
_cell.angle_gamma   90.00
#
_symmetry.space_group_name_H-M   'P 21 21 2'
#
loop_
_entity.id
_entity.type
_entity.pdbx_description
1 polymer 'hypothetical protein NMB0488'
2 non-polymer 'SODIUM ION'
3 non-polymer 1,2-ETHANEDIOL
4 non-polymer BETA-MERCAPTOETHANOL
5 water water
#
_entity_poly.entity_id   1
_entity_poly.type   'polypeptide(L)'
_entity_poly.pdbx_seq_one_letter_code
;SNA(MSE)TFNQEQDYWAGYKANERALIIQTWSGFGRYAPDHLYPPHILPLDTDNETLGTTVLQALANSRTFVYDSPEDQ
DFFDTEKIRQRYEDWVAKLCGNLGYKTRRALFKN(MSE)(MSE)SVDIWLHNGCLKISPSRHVKLEAWDAIDADDVILSL
DNSPEEIGAGLKLALSRCR
;
_entity_poly.pdbx_strand_id   A
#
loop_
_chem_comp.id
_chem_comp.type
_chem_comp.name
_chem_comp.formula
BME non-polymer BETA-MERCAPTOETHANOL 'C2 H6 O S'
EDO non-polymer 1,2-ETHANEDIOL 'C2 H6 O2'
NA non-polymer 'SODIUM ION' 'Na 1'
#
# COMPACT_ATOMS: atom_id res chain seq x y z
N MSE A 4 -1.56 0.92 19.08
CA MSE A 4 -1.89 2.05 18.14
C MSE A 4 -3.33 2.47 18.25
O MSE A 4 -4.21 1.69 18.64
CB MSE A 4 -1.52 1.72 16.69
CG MSE A 4 -1.18 0.27 16.42
SE MSE A 4 -0.07 0.06 14.83
CE MSE A 4 1.18 1.54 15.10
N THR A 5 -3.57 3.72 17.88
CA THR A 5 -4.88 4.33 18.03
C THR A 5 -5.56 4.31 16.69
N PHE A 6 -6.65 3.55 16.65
CA PHE A 6 -7.59 3.59 15.56
C PHE A 6 -8.92 4.06 16.12
N ASN A 7 -9.53 5.05 15.49
CA ASN A 7 -10.80 5.63 15.91
C ASN A 7 -12.00 4.97 15.28
N GLN A 8 -13.08 4.88 16.04
CA GLN A 8 -14.32 4.34 15.52
C GLN A 8 -14.87 5.26 14.45
N GLU A 9 -15.43 4.64 13.42
CA GLU A 9 -15.99 5.32 12.26
C GLU A 9 -14.95 5.88 11.30
N GLN A 10 -13.67 5.89 11.71
CA GLN A 10 -12.61 6.40 10.84
C GLN A 10 -12.07 5.28 9.94
N ASP A 11 -11.82 5.67 8.70
CA ASP A 11 -11.22 4.77 7.71
C ASP A 11 -9.71 4.91 7.67
N TYR A 12 -9.01 3.78 7.62
CA TYR A 12 -7.57 3.79 7.45
C TYR A 12 -7.26 2.91 6.26
N TRP A 13 -6.33 3.38 5.41
CA TRP A 13 -5.96 2.65 4.23
C TRP A 13 -4.45 2.51 4.07
N ALA A 14 -4.05 1.42 3.41
CA ALA A 14 -2.64 1.16 3.12
C ALA A 14 -2.53 0.26 1.93
N GLY A 15 -1.31 0.18 1.38
CA GLY A 15 -1.06 -0.70 0.26
C GLY A 15 0.14 -1.60 0.51
N TYR A 16 0.13 -2.74 -0.19
CA TYR A 16 1.16 -3.77 -0.04
CA TYR A 16 1.13 -3.79 -0.03
C TYR A 16 1.45 -4.25 -1.45
N LYS A 17 2.59 -3.79 -1.99
CA LYS A 17 3.02 -4.17 -3.34
C LYS A 17 4.20 -5.12 -3.28
N ALA A 18 4.39 -5.95 -4.32
CA ALA A 18 5.46 -6.94 -4.29
C ALA A 18 5.91 -7.23 -5.67
N ASN A 19 7.23 -7.23 -5.87
CA ASN A 19 7.78 -7.70 -7.14
C ASN A 19 8.89 -8.70 -6.86
N GLU A 20 9.72 -8.99 -7.85
CA GLU A 20 10.71 -10.04 -7.62
C GLU A 20 11.85 -9.59 -6.70
N ARG A 21 11.89 -8.30 -6.32
CA ARG A 21 12.97 -7.84 -5.42
C ARG A 21 12.52 -7.44 -4.03
N ALA A 22 11.23 -7.10 -3.84
CA ALA A 22 10.84 -6.54 -2.57
C ALA A 22 9.37 -6.58 -2.33
N LEU A 23 9.02 -6.50 -1.05
CA LEU A 23 7.69 -6.05 -0.60
C LEU A 23 7.77 -4.55 -0.28
N ILE A 24 6.71 -3.79 -0.60
CA ILE A 24 6.73 -2.34 -0.48
C ILE A 24 5.41 -1.95 0.19
N ILE A 25 5.49 -1.51 1.45
CA ILE A 25 4.29 -1.24 2.24
C ILE A 25 4.14 0.28 2.32
N GLN A 26 2.93 0.76 2.07
CA GLN A 26 2.73 2.18 1.95
C GLN A 26 1.46 2.65 2.66
N THR A 27 1.56 3.72 3.44
CA THR A 27 0.35 4.41 3.94
C THR A 27 -0.41 5.09 2.80
N TRP A 28 -1.75 4.96 2.83
CA TRP A 28 -2.62 5.72 1.91
C TRP A 28 -3.41 6.74 2.73
N SER A 29 -3.83 7.83 2.08
CA SER A 29 -4.62 8.86 2.74
C SER A 29 -5.65 9.38 1.74
N GLY A 30 -6.50 10.30 2.22
CA GLY A 30 -7.51 10.85 1.32
C GLY A 30 -8.73 11.31 2.06
N PHE A 31 -9.81 11.49 1.30
CA PHE A 31 -11.13 11.74 1.86
C PHE A 31 -12.08 11.21 0.79
N GLY A 32 -13.00 10.33 1.22
CA GLY A 32 -13.94 9.71 0.29
C GLY A 32 -13.32 8.58 -0.48
N ARG A 33 -12.23 8.88 -1.19
CA ARG A 33 -11.40 7.86 -1.82
C ARG A 33 -9.96 8.08 -1.36
N TYR A 34 -9.20 6.98 -1.35
CA TYR A 34 -7.83 6.99 -0.83
C TYR A 34 -6.79 6.61 -1.87
N ALA A 35 -5.56 7.01 -1.58
CA ALA A 35 -4.46 6.78 -2.52
C ALA A 35 -3.14 6.83 -1.80
N PRO A 36 -2.07 6.27 -2.41
CA PRO A 36 -0.77 6.32 -1.74
C PRO A 36 -0.42 7.72 -1.27
N ASP A 37 0.07 7.83 -0.04
CA ASP A 37 0.37 9.16 0.55
C ASP A 37 1.90 9.27 0.65
N HIS A 38 2.51 9.94 -0.32
CA HIS A 38 3.97 9.99 -0.38
C HIS A 38 4.58 10.89 0.70
N LEU A 39 3.75 11.44 1.59
CA LEU A 39 4.30 12.05 2.80
C LEU A 39 5.05 10.99 3.63
N TYR A 40 4.55 9.76 3.55
CA TYR A 40 5.13 8.64 4.28
C TYR A 40 5.98 7.85 3.29
C TYR A 40 5.91 7.73 3.36
N PRO A 41 7.28 7.61 3.60
N PRO A 41 7.26 7.74 3.45
CA PRO A 41 8.05 6.89 2.58
CA PRO A 41 8.10 6.90 2.60
C PRO A 41 7.65 5.43 2.55
N PRO A 42 7.87 4.76 1.42
CA PRO A 42 7.57 3.35 1.40
C PRO A 42 8.48 2.58 2.36
N HIS A 43 7.95 1.52 2.93
CA HIS A 43 8.73 0.61 3.75
CA HIS A 43 8.75 0.61 3.77
C HIS A 43 9.08 -0.62 2.95
N ILE A 44 10.36 -0.82 2.66
CA ILE A 44 10.79 -1.94 1.84
C ILE A 44 11.20 -3.11 2.70
N LEU A 45 10.77 -4.31 2.30
CA LEU A 45 11.05 -5.52 3.07
C LEU A 45 11.46 -6.66 2.16
N PRO A 46 12.25 -7.62 2.67
CA PRO A 46 12.54 -8.83 1.89
C PRO A 46 11.31 -9.69 1.69
N LEU A 47 11.35 -10.51 0.64
CA LEU A 47 10.13 -11.25 0.25
C LEU A 47 9.66 -12.29 1.25
N ASP A 48 10.58 -12.83 2.02
CA ASP A 48 10.23 -13.84 3.02
C ASP A 48 10.25 -13.30 4.43
N THR A 49 9.96 -12.01 4.55
CA THR A 49 9.78 -11.38 5.85
CA THR A 49 9.81 -11.41 5.88
C THR A 49 8.81 -12.21 6.67
N ASP A 50 9.08 -12.34 7.96
CA ASP A 50 8.19 -13.13 8.78
C ASP A 50 6.84 -12.47 8.91
N ASN A 51 5.82 -13.28 9.16
CA ASN A 51 4.45 -12.76 9.25
C ASN A 51 4.31 -11.67 10.33
N GLU A 52 4.94 -11.84 11.48
CA GLU A 52 4.81 -10.81 12.52
CA GLU A 52 4.94 -10.81 12.55
C GLU A 52 5.35 -9.44 12.07
N THR A 53 6.47 -9.41 11.33
CA THR A 53 7.04 -8.15 10.85
C THR A 53 6.12 -7.57 9.77
N LEU A 54 5.62 -8.41 8.89
CA LEU A 54 4.75 -7.95 7.81
C LEU A 54 3.45 -7.38 8.41
N GLY A 55 2.82 -8.11 9.33
CA GLY A 55 1.61 -7.59 10.01
C GLY A 55 1.84 -6.26 10.74
N THR A 56 2.90 -6.20 11.54
CA THR A 56 3.24 -4.96 12.24
C THR A 56 3.50 -3.79 11.31
N THR A 57 4.21 -4.05 10.22
CA THR A 57 4.53 -2.96 9.31
C THR A 57 3.25 -2.43 8.67
N VAL A 58 2.33 -3.32 8.29
CA VAL A 58 1.07 -2.85 7.68
C VAL A 58 0.21 -2.14 8.71
N LEU A 59 0.18 -2.66 9.94
CA LEU A 59 -0.55 -1.89 11.01
C LEU A 59 0.04 -0.48 11.23
N GLN A 60 1.38 -0.36 11.20
CA GLN A 60 2.00 0.95 11.34
CA GLN A 60 1.94 0.97 11.37
C GLN A 60 1.61 1.86 10.17
N ALA A 61 1.61 1.29 8.97
CA ALA A 61 1.21 2.08 7.80
C ALA A 61 -0.23 2.56 7.89
N LEU A 62 -1.12 1.68 8.33
CA LEU A 62 -2.52 2.06 8.51
C LEU A 62 -2.66 3.15 9.56
N ALA A 63 -1.89 3.07 10.64
CA ALA A 63 -2.04 4.05 11.74
C ALA A 63 -1.71 5.45 11.27
N ASN A 64 -0.87 5.55 10.25
CA ASN A 64 -0.51 6.86 9.70
C ASN A 64 -1.45 7.37 8.60
N SER A 65 -2.44 6.57 8.23
CA SER A 65 -3.38 6.96 7.18
C SER A 65 -4.16 8.23 7.55
N ARG A 66 -4.10 9.25 6.68
CA ARG A 66 -4.75 10.52 7.00
C ARG A 66 -6.11 10.61 6.31
N THR A 67 -7.11 11.11 7.05
CA THR A 67 -8.40 11.45 6.45
C THR A 67 -8.53 12.96 6.49
N PHE A 68 -8.64 13.55 5.32
CA PHE A 68 -8.75 15.03 5.23
C PHE A 68 -10.19 15.48 5.42
N VAL A 69 -10.37 16.76 5.77
CA VAL A 69 -11.64 17.45 5.63
C VAL A 69 -11.68 17.91 4.18
N TYR A 70 -12.78 17.61 3.49
CA TYR A 70 -12.92 17.97 2.08
C TYR A 70 -12.64 19.47 1.85
N ASP A 71 -11.80 19.76 0.87
CA ASP A 71 -11.42 21.16 0.56
C ASP A 71 -10.56 21.87 1.59
N SER A 72 -10.07 21.15 2.60
CA SER A 72 -9.06 21.72 3.47
C SER A 72 -7.78 21.91 2.63
N PRO A 73 -6.85 22.76 3.09
CA PRO A 73 -5.62 22.90 2.32
C PRO A 73 -4.94 21.55 2.07
N GLU A 74 -4.94 20.67 3.06
CA GLU A 74 -4.41 19.31 2.90
C GLU A 74 -5.14 18.49 1.80
N ASP A 75 -6.46 18.55 1.76
CA ASP A 75 -7.23 17.85 0.71
C ASP A 75 -6.92 18.36 -0.69
N GLN A 76 -6.96 19.70 -0.86
CA GLN A 76 -6.69 20.25 -2.18
C GLN A 76 -5.29 19.86 -2.69
N ASP A 77 -4.31 19.97 -1.80
CA ASP A 77 -2.93 19.61 -2.14
C ASP A 77 -2.80 18.14 -2.53
N PHE A 78 -3.46 17.28 -1.75
CA PHE A 78 -3.39 15.83 -1.99
C PHE A 78 -3.99 15.41 -3.32
N PHE A 79 -5.06 16.10 -3.75
CA PHE A 79 -5.76 15.70 -4.96
C PHE A 79 -5.43 16.57 -6.20
N ASP A 80 -4.49 17.51 -6.01
CA ASP A 80 -4.04 18.35 -7.12
C ASP A 80 -3.35 17.51 -8.18
N THR A 81 -3.79 17.65 -9.43
CA THR A 81 -3.31 16.82 -10.54
C THR A 81 -1.79 16.89 -10.70
N GLU A 82 -1.24 18.09 -10.73
CA GLU A 82 0.17 18.24 -11.00
C GLU A 82 1.01 17.76 -9.81
N LYS A 83 0.54 18.02 -8.58
CA LYS A 83 1.25 17.55 -7.39
CA LYS A 83 1.22 17.55 -7.37
C LYS A 83 1.24 16.02 -7.34
N ILE A 84 0.10 15.39 -7.66
CA ILE A 84 0.07 13.91 -7.77
C ILE A 84 1.12 13.42 -8.77
N ARG A 85 1.18 14.05 -9.94
CA ARG A 85 2.14 13.65 -10.97
C ARG A 85 3.59 13.79 -10.50
N GLN A 86 3.91 14.93 -9.88
CA GLN A 86 5.28 15.16 -9.47
CA GLN A 86 5.26 15.19 -9.41
C GLN A 86 5.64 14.17 -8.34
N ARG A 87 4.74 13.95 -7.39
CA ARG A 87 5.04 13.05 -6.27
CA ARG A 87 5.02 13.05 -6.27
C ARG A 87 5.15 11.62 -6.75
N TYR A 88 4.36 11.27 -7.76
CA TYR A 88 4.35 9.92 -8.33
C TYR A 88 5.68 9.66 -9.03
N GLU A 89 6.11 10.60 -9.86
CA GLU A 89 7.38 10.44 -10.57
C GLU A 89 8.56 10.38 -9.59
N ASP A 90 8.51 11.18 -8.53
CA ASP A 90 9.54 11.08 -7.52
CA ASP A 90 9.51 11.10 -7.45
C ASP A 90 9.54 9.70 -6.86
N TRP A 91 8.36 9.14 -6.60
CA TRP A 91 8.24 7.81 -5.99
C TRP A 91 8.83 6.77 -6.89
N VAL A 92 8.56 6.85 -8.18
CA VAL A 92 9.12 5.86 -9.12
C VAL A 92 10.65 5.94 -9.17
N ALA A 93 11.18 7.14 -9.31
CA ALA A 93 12.62 7.33 -9.37
C ALA A 93 13.28 6.81 -8.09
N LYS A 94 12.68 7.11 -6.93
CA LYS A 94 13.28 6.68 -5.65
CA LYS A 94 13.26 6.69 -5.66
C LYS A 94 13.24 5.19 -5.49
N LEU A 95 12.12 4.56 -5.90
CA LEU A 95 12.02 3.12 -5.77
CA LEU A 95 11.99 3.11 -5.82
C LEU A 95 13.00 2.42 -6.72
N CYS A 96 13.19 2.96 -7.93
CA CYS A 96 14.19 2.39 -8.83
C CYS A 96 15.55 2.43 -8.17
N GLY A 97 15.90 3.59 -7.58
CA GLY A 97 17.17 3.68 -6.86
C GLY A 97 17.30 2.75 -5.69
N ASN A 98 16.25 2.61 -4.92
CA ASN A 98 16.30 1.75 -3.75
C ASN A 98 16.30 0.26 -4.05
N LEU A 99 15.96 -0.12 -5.28
CA LEU A 99 15.86 -1.54 -5.60
C LEU A 99 16.77 -1.96 -6.75
N GLY A 100 17.60 -1.06 -7.25
CA GLY A 100 18.60 -1.45 -8.26
C GLY A 100 18.09 -1.48 -9.70
N TYR A 101 17.00 -0.78 -10.00
CA TYR A 101 16.44 -0.76 -11.36
C TYR A 101 16.87 0.47 -12.10
N LYS A 102 17.12 0.28 -13.40
CA LYS A 102 17.48 1.35 -14.30
C LYS A 102 16.33 1.79 -15.19
N THR A 103 15.26 1.00 -15.26
CA THR A 103 14.07 1.34 -16.06
C THR A 103 12.83 1.12 -15.22
N ARG A 104 11.84 2.00 -15.39
CA ARG A 104 10.54 1.75 -14.75
C ARG A 104 9.88 0.49 -15.29
N ARG A 105 10.16 0.13 -16.56
CA ARG A 105 9.62 -1.11 -17.09
CA ARG A 105 9.57 -1.11 -17.07
C ARG A 105 9.96 -2.31 -16.21
N ALA A 106 11.24 -2.39 -15.83
CA ALA A 106 11.68 -3.49 -15.00
C ALA A 106 11.13 -3.38 -13.61
N LEU A 107 11.08 -2.18 -13.03
CA LEU A 107 10.53 -2.03 -11.68
C LEU A 107 9.10 -2.60 -11.61
N PHE A 108 8.29 -2.28 -12.63
CA PHE A 108 6.89 -2.60 -12.55
C PHE A 108 6.51 -3.95 -13.13
N LYS A 109 7.39 -4.55 -13.95
CA LYS A 109 7.00 -5.72 -14.73
CA LYS A 109 7.06 -5.76 -14.72
C LYS A 109 6.21 -6.78 -13.97
N ASN A 110 6.71 -7.14 -12.78
CA ASN A 110 6.12 -8.25 -12.02
C ASN A 110 5.47 -7.76 -10.74
N MSE A 111 5.14 -6.47 -10.70
CA MSE A 111 4.65 -5.88 -9.45
CA MSE A 111 4.62 -5.84 -9.47
C MSE A 111 3.16 -6.20 -9.26
O MSE A 111 2.32 -5.83 -10.07
CB MSE A 111 4.92 -4.38 -9.39
CB MSE A 111 4.74 -4.32 -9.56
CG MSE A 111 4.57 -3.77 -8.05
CG MSE A 111 4.38 -3.61 -8.26
SE MSE A 111 4.94 -1.88 -7.98
SE MSE A 111 5.83 -3.68 -6.99
CE MSE A 111 6.88 -1.92 -7.88
CE MSE A 111 6.98 -2.34 -7.82
N MSE A 112 2.88 -6.89 -8.16
CA MSE A 112 1.51 -7.14 -7.73
CA MSE A 112 1.51 -7.16 -7.69
C MSE A 112 1.12 -6.14 -6.65
O MSE A 112 1.99 -5.51 -6.02
CB MSE A 112 1.41 -8.58 -7.17
CB MSE A 112 1.42 -8.54 -7.03
CG MSE A 112 1.95 -9.63 -8.16
CG MSE A 112 1.76 -9.73 -7.93
SE MSE A 112 0.77 -9.74 -9.73
SE MSE A 112 0.53 -9.94 -9.44
CE MSE A 112 0.98 -11.55 -10.28
CE MSE A 112 1.71 -9.22 -10.80
N SER A 113 -0.19 -5.99 -6.42
CA SER A 113 -0.67 -4.97 -5.48
C SER A 113 -1.88 -5.44 -4.66
N VAL A 114 -1.80 -5.26 -3.35
CA VAL A 114 -2.88 -5.56 -2.43
C VAL A 114 -3.23 -4.26 -1.74
N ASP A 115 -4.52 -4.00 -1.53
CA ASP A 115 -5.01 -2.83 -0.78
CA ASP A 115 -4.81 -2.86 -0.69
C ASP A 115 -5.53 -3.27 0.57
N ILE A 116 -5.38 -2.43 1.59
CA ILE A 116 -5.92 -2.80 2.92
C ILE A 116 -6.75 -1.64 3.41
N TRP A 117 -7.99 -1.97 3.82
CA TRP A 117 -8.93 -0.99 4.37
C TRP A 117 -9.34 -1.43 5.77
N LEU A 118 -9.07 -0.58 6.78
CA LEU A 118 -9.52 -0.83 8.15
C LEU A 118 -10.64 0.12 8.51
N HIS A 119 -11.70 -0.42 9.08
CA HIS A 119 -12.85 0.38 9.50
C HIS A 119 -13.58 -0.38 10.60
N ASN A 120 -13.72 0.26 11.76
CA ASN A 120 -14.35 -0.36 12.92
C ASN A 120 -13.87 -1.78 13.18
N GLY A 121 -12.54 -1.89 13.16
CA GLY A 121 -11.88 -3.12 13.54
C GLY A 121 -11.83 -4.15 12.43
N CYS A 122 -12.50 -3.92 11.31
CA CYS A 122 -12.54 -4.89 10.24
CA CYS A 122 -12.55 -4.88 10.22
C CYS A 122 -11.47 -4.56 9.22
N LEU A 123 -10.64 -5.57 8.90
CA LEU A 123 -9.58 -5.44 7.88
C LEU A 123 -10.02 -6.10 6.58
N LYS A 124 -10.21 -5.32 5.51
CA LYS A 124 -10.50 -5.85 4.19
C LYS A 124 -9.18 -5.83 3.38
N ILE A 125 -8.68 -7.01 3.05
CA ILE A 125 -7.37 -7.13 2.37
C ILE A 125 -7.65 -7.65 0.96
N SER A 126 -7.43 -6.80 -0.04
CA SER A 126 -7.95 -7.08 -1.38
C SER A 126 -6.83 -7.27 -2.39
N PRO A 127 -6.84 -8.40 -3.08
CA PRO A 127 -5.87 -8.65 -4.16
C PRO A 127 -6.28 -7.87 -5.41
N SER A 128 -5.52 -7.99 -6.48
CA SER A 128 -5.82 -7.23 -7.71
C SER A 128 -5.26 -7.94 -8.89
N ARG A 129 -5.66 -7.46 -10.06
CA ARG A 129 -5.04 -7.82 -11.35
C ARG A 129 -4.13 -6.68 -11.83
N HIS A 130 -2.91 -7.03 -12.20
CA HIS A 130 -1.96 -6.09 -12.78
C HIS A 130 -2.31 -5.89 -14.24
N VAL A 131 -3.33 -5.07 -14.45
CA VAL A 131 -3.96 -4.91 -15.74
C VAL A 131 -3.15 -4.07 -16.72
N LYS A 132 -2.43 -3.07 -16.21
CA LYS A 132 -1.61 -2.25 -17.06
C LYS A 132 -0.25 -2.14 -16.43
N LEU A 133 0.73 -1.62 -17.17
CA LEU A 133 2.09 -1.59 -16.69
C LEU A 133 2.16 -1.01 -15.26
N GLU A 134 1.48 0.11 -15.04
CA GLU A 134 1.52 0.82 -13.75
C GLU A 134 0.13 0.97 -13.12
N ALA A 135 -0.73 -0.01 -13.30
CA ALA A 135 -2.06 0.06 -12.70
C ALA A 135 -2.63 -1.31 -12.37
N TRP A 136 -3.48 -1.33 -11.34
CA TRP A 136 -4.03 -2.56 -10.79
C TRP A 136 -5.51 -2.37 -10.58
N ASP A 137 -6.32 -3.34 -10.96
CA ASP A 137 -7.77 -3.26 -10.85
C ASP A 137 -8.24 -4.43 -10.01
N ALA A 138 -9.42 -4.29 -9.44
CA ALA A 138 -9.97 -5.37 -8.62
C ALA A 138 -10.26 -6.62 -9.40
N ILE A 139 -10.14 -7.74 -8.70
CA ILE A 139 -10.58 -9.04 -9.21
C ILE A 139 -11.78 -9.50 -8.38
N ASP A 140 -12.28 -10.70 -8.62
CA ASP A 140 -13.61 -11.04 -8.07
C ASP A 140 -13.67 -11.93 -6.88
N ALA A 141 -14.27 -11.44 -5.79
CA ALA A 141 -14.58 -12.31 -4.64
C ALA A 141 -13.34 -13.03 -4.09
N ASP A 142 -12.19 -12.35 -4.08
CA ASP A 142 -10.99 -12.93 -3.50
C ASP A 142 -10.42 -12.24 -2.26
N ASP A 143 -11.21 -11.39 -1.60
CA ASP A 143 -10.68 -10.65 -0.44
C ASP A 143 -10.34 -11.55 0.73
N VAL A 144 -9.34 -11.14 1.52
CA VAL A 144 -9.07 -11.79 2.81
C VAL A 144 -9.60 -10.85 3.90
N ILE A 145 -10.53 -11.34 4.72
CA ILE A 145 -11.21 -10.50 5.70
C ILE A 145 -10.71 -10.93 7.08
N LEU A 146 -10.04 -10.01 7.79
CA LEU A 146 -9.56 -10.22 9.15
C LEU A 146 -10.04 -9.08 10.05
N SER A 147 -9.47 -8.98 11.23
CA SER A 147 -9.89 -7.89 12.11
C SER A 147 -8.80 -7.58 13.11
N LEU A 148 -9.03 -6.53 13.90
CA LEU A 148 -8.08 -6.17 14.95
C LEU A 148 -8.05 -7.18 16.10
N ASP A 149 -8.95 -8.16 16.07
CA ASP A 149 -8.84 -9.29 16.99
C ASP A 149 -7.56 -10.07 16.70
N ASN A 150 -7.15 -10.06 15.42
CA ASN A 150 -6.02 -10.88 14.95
C ASN A 150 -4.69 -10.29 15.38
N SER A 151 -3.73 -11.17 15.69
CA SER A 151 -2.38 -10.73 16.02
C SER A 151 -1.68 -10.24 14.77
N PRO A 152 -0.63 -9.42 14.93
CA PRO A 152 0.18 -9.04 13.78
C PRO A 152 0.61 -10.23 12.94
N GLU A 153 0.93 -11.37 13.56
CA GLU A 153 1.32 -12.55 12.78
CA GLU A 153 1.27 -12.63 12.88
C GLU A 153 0.20 -13.11 11.91
N GLU A 154 -1.02 -13.17 12.43
CA GLU A 154 -2.18 -13.58 11.67
C GLU A 154 -2.49 -12.60 10.56
N ILE A 155 -2.33 -11.31 10.83
CA ILE A 155 -2.49 -10.31 9.78
C ILE A 155 -1.45 -10.54 8.67
N GLY A 156 -0.20 -10.79 9.03
CA GLY A 156 0.84 -11.09 8.03
C GLY A 156 0.49 -12.29 7.17
N ALA A 157 -0.04 -13.35 7.79
CA ALA A 157 -0.49 -14.52 7.04
C ALA A 157 -1.57 -14.16 6.02
N GLY A 158 -2.52 -13.33 6.45
CA GLY A 158 -3.61 -12.97 5.56
C GLY A 158 -3.11 -12.06 4.45
N LEU A 159 -2.10 -11.24 4.74
CA LEU A 159 -1.51 -10.41 3.67
C LEU A 159 -0.85 -11.26 2.60
N LYS A 160 -0.08 -12.26 3.04
CA LYS A 160 0.61 -13.13 2.10
C LYS A 160 -0.40 -13.95 1.29
N LEU A 161 -1.49 -14.34 1.93
CA LEU A 161 -2.56 -15.06 1.26
C LEU A 161 -3.17 -14.17 0.17
N ALA A 162 -3.45 -12.91 0.51
CA ALA A 162 -4.02 -12.05 -0.50
C ALA A 162 -3.04 -11.83 -1.65
N LEU A 163 -1.75 -11.65 -1.35
CA LEU A 163 -0.76 -11.51 -2.42
C LEU A 163 -0.79 -12.76 -3.34
N SER A 164 -0.91 -13.95 -2.75
CA SER A 164 -0.98 -15.18 -3.56
C SER A 164 -2.16 -15.23 -4.52
N ARG A 165 -3.18 -14.45 -4.22
CA ARG A 165 -4.37 -14.35 -5.06
C ARG A 165 -4.27 -13.27 -6.16
N CYS A 166 -3.22 -12.46 -6.15
CA CYS A 166 -3.06 -11.45 -7.18
C CYS A 166 -2.72 -12.09 -8.50
N ARG A 167 -3.07 -11.43 -9.60
CA ARG A 167 -2.85 -11.95 -10.93
C ARG A 167 -2.36 -10.86 -11.84
NA NA B . 0.80 1.11 -2.49
C1 EDO C . -5.77 -4.16 -4.73
O1 EDO C . -7.20 -4.21 -4.84
C2 EDO C . -5.24 -3.13 -5.73
O2 EDO C . -4.04 -2.44 -5.33
C1 BME D . 14.64 5.85 -13.12
C1 BME D . 12.59 5.67 -13.63
C2 BME D . 13.59 5.00 -13.82
C2 BME D . 14.02 5.16 -13.39
O1 BME D . 15.89 5.14 -13.19
O1 BME D . 12.40 7.00 -13.15
S2 BME D . 12.55 4.30 -12.51
S2 BME D . 14.01 3.36 -13.13
#